data_4HH5
#
_entry.id   4HH5
#
_cell.length_a   40.860
_cell.length_b   58.710
_cell.length_c   65.670
_cell.angle_alpha   90.00
_cell.angle_beta   90.00
_cell.angle_gamma   90.00
#
_symmetry.space_group_name_H-M   'P 21 21 21'
#
loop_
_entity.id
_entity.type
_entity.pdbx_description
1 polymer 'Putative type VI secretion protein'
2 non-polymer 'BROMIDE ION'
3 water water
#
_entity_poly.entity_id   1
_entity_poly.type   'polypeptide(L)'
_entity_poly.pdbx_seq_one_letter_code
;GVNNMENSAALLRRLNHYCARALEGAASLCQTRAHAEITPEHWLLKLLEQGEGDLTVLGRRYDWDMDAIWQSLLGWLDNQ
PRSVRSRPQLAQSLNALLKQAWMVASLQGEEHIRSVHLLGALTENPHLVRCDGLWPLLTLSQSQLQRLSPLLDAQSDECP
ETL
;
_entity_poly.pdbx_strand_id   A
#
# COMPACT_ATOMS: atom_id res chain seq x y z
N GLY A 1 -10.22 -14.64 -18.25
CA GLY A 1 -10.61 -16.00 -17.94
C GLY A 1 -9.97 -16.50 -16.67
N VAL A 2 -9.91 -17.85 -16.52
CA VAL A 2 -9.35 -18.55 -15.35
C VAL A 2 -7.95 -18.17 -14.99
N ASN A 3 -7.02 -18.18 -15.97
CA ASN A 3 -5.61 -17.87 -15.74
C ASN A 3 -5.41 -16.48 -15.16
N ASN A 4 -6.15 -15.47 -15.67
CA ASN A 4 -6.10 -14.08 -15.19
C ASN A 4 -6.63 -14.00 -13.75
N MET A 5 -7.74 -14.68 -13.47
CA MET A 5 -8.40 -14.73 -12.15
C MET A 5 -7.43 -15.36 -11.14
N GLU A 6 -6.84 -16.51 -11.48
CA GLU A 6 -5.88 -17.17 -10.60
C GLU A 6 -4.60 -16.38 -10.40
N ASN A 7 -4.16 -15.61 -11.43
CA ASN A 7 -2.99 -14.74 -11.34
C ASN A 7 -3.25 -13.62 -10.34
N SER A 8 -4.44 -12.97 -10.41
CA SER A 8 -4.85 -11.89 -9.48
C SER A 8 -4.95 -12.42 -8.05
N ALA A 9 -5.46 -13.67 -7.89
CA ALA A 9 -5.59 -14.31 -6.57
C ALA A 9 -4.22 -14.67 -6.00
N ALA A 10 -3.27 -15.15 -6.84
CA ALA A 10 -1.92 -15.50 -6.40
C ALA A 10 -1.20 -14.25 -5.86
N LEU A 11 -1.43 -13.11 -6.52
CA LEU A 11 -0.89 -11.80 -6.18
C LEU A 11 -1.37 -11.40 -4.77
N LEU A 12 -2.67 -11.58 -4.48
CA LEU A 12 -3.26 -11.32 -3.16
C LEU A 12 -2.66 -12.23 -2.09
N ARG A 13 -2.41 -13.51 -2.43
CA ARG A 13 -1.80 -14.47 -1.51
C ARG A 13 -0.33 -14.14 -1.20
N ARG A 14 0.33 -13.34 -2.06
CA ARG A 14 1.73 -12.95 -1.84
C ARG A 14 1.89 -11.82 -0.83
N LEU A 15 0.82 -11.07 -0.57
CA LEU A 15 0.85 -9.99 0.41
C LEU A 15 1.19 -10.56 1.78
N ASN A 16 2.09 -9.87 2.51
CA ASN A 16 2.39 -10.32 3.86
C ASN A 16 1.15 -10.02 4.72
N HIS A 17 1.12 -10.49 5.97
N HIS A 17 1.10 -10.50 5.98
CA HIS A 17 -0.03 -10.30 6.84
CA HIS A 17 -0.07 -10.30 6.84
C HIS A 17 -0.43 -8.86 7.16
C HIS A 17 -0.44 -8.84 7.09
N TYR A 18 0.55 -7.97 7.33
CA TYR A 18 0.35 -6.54 7.58
C TYR A 18 -0.44 -5.85 6.43
N CYS A 19 0.04 -6.05 5.18
CA CYS A 19 -0.56 -5.51 3.95
C CYS A 19 -1.91 -6.13 3.65
N ALA A 20 -2.07 -7.45 3.89
CA ALA A 20 -3.33 -8.15 3.66
C ALA A 20 -4.41 -7.62 4.61
N ARG A 21 -4.08 -7.49 5.92
CA ARG A 21 -4.96 -6.96 6.97
C ARG A 21 -5.42 -5.53 6.58
N ALA A 22 -4.48 -4.69 6.10
CA ALA A 22 -4.78 -3.32 5.67
C ALA A 22 -5.67 -3.31 4.43
N LEU A 23 -5.46 -4.27 3.51
CA LEU A 23 -6.30 -4.34 2.29
C LEU A 23 -7.74 -4.75 2.65
N GLU A 24 -7.88 -5.65 3.64
CA GLU A 24 -9.19 -6.07 4.16
C GLU A 24 -9.87 -4.88 4.84
N GLY A 25 -9.08 -4.10 5.61
CA GLY A 25 -9.56 -2.88 6.27
C GLY A 25 -10.05 -1.85 5.27
N ALA A 26 -9.31 -1.68 4.14
CA ALA A 26 -9.67 -0.77 3.06
C ALA A 26 -10.99 -1.20 2.39
N ALA A 27 -11.16 -2.53 2.16
CA ALA A 27 -12.37 -3.13 1.59
C ALA A 27 -13.57 -2.91 2.53
N SER A 28 -13.34 -3.08 3.87
CA SER A 28 -14.37 -2.85 4.89
C SER A 28 -14.80 -1.38 4.93
N LEU A 29 -13.82 -0.45 4.85
CA LEU A 29 -14.08 0.99 4.85
C LEU A 29 -14.91 1.38 3.61
N CYS A 30 -14.57 0.84 2.43
CA CYS A 30 -15.31 1.07 1.18
C CYS A 30 -16.75 0.62 1.30
N GLN A 31 -16.98 -0.57 1.94
CA GLN A 31 -18.30 -1.16 2.16
C GLN A 31 -19.15 -0.25 3.04
N THR A 32 -18.59 0.27 4.18
CA THR A 32 -19.30 1.19 5.10
C THR A 32 -19.73 2.49 4.41
N ARG A 33 -19.00 2.91 3.37
CA ARG A 33 -19.31 4.15 2.65
C ARG A 33 -19.99 3.87 1.31
N ALA A 34 -20.32 2.58 1.05
CA ALA A 34 -21.00 2.06 -0.15
C ALA A 34 -20.29 2.35 -1.47
N HIS A 35 -18.95 2.57 -1.42
CA HIS A 35 -18.12 2.87 -2.59
C HIS A 35 -17.80 1.67 -3.45
N ALA A 36 -17.81 1.87 -4.78
CA ALA A 36 -17.57 0.80 -5.73
C ALA A 36 -16.14 0.30 -5.79
N GLU A 37 -15.14 1.20 -5.68
CA GLU A 37 -13.75 0.79 -5.85
C GLU A 37 -12.78 1.01 -4.69
N ILE A 38 -11.95 -0.01 -4.42
CA ILE A 38 -10.91 0.05 -3.39
C ILE A 38 -9.68 0.63 -4.10
N THR A 39 -9.29 1.85 -3.71
CA THR A 39 -8.17 2.56 -4.33
C THR A 39 -6.87 2.45 -3.51
N PRO A 40 -5.68 2.79 -4.08
CA PRO A 40 -4.45 2.77 -3.27
C PRO A 40 -4.52 3.73 -2.09
N GLU A 41 -5.31 4.83 -2.21
CA GLU A 41 -5.50 5.79 -1.12
C GLU A 41 -6.21 5.12 0.06
N HIS A 42 -7.24 4.27 -0.21
CA HIS A 42 -7.96 3.52 0.84
C HIS A 42 -6.98 2.59 1.57
N TRP A 43 -6.11 1.92 0.80
CA TRP A 43 -5.08 1.01 1.30
C TRP A 43 -4.05 1.75 2.14
N LEU A 44 -3.50 2.87 1.64
CA LEU A 44 -2.49 3.66 2.37
C LEU A 44 -3.02 4.18 3.69
N LEU A 45 -4.30 4.61 3.73
CA LEU A 45 -4.96 5.09 4.94
C LEU A 45 -4.91 3.98 6.00
N LYS A 46 -5.32 2.76 5.62
CA LYS A 46 -5.35 1.61 6.52
C LYS A 46 -3.97 1.11 6.90
N LEU A 47 -2.99 1.24 5.98
CA LEU A 47 -1.61 0.87 6.31
C LEU A 47 -1.08 1.81 7.41
N LEU A 48 -1.26 3.13 7.23
CA LEU A 48 -0.85 4.15 8.21
C LEU A 48 -1.64 4.03 9.50
N GLU A 49 -2.91 3.58 9.42
CA GLU A 49 -3.73 3.37 10.61
C GLU A 49 -3.17 2.25 11.51
N GLN A 50 -2.57 1.22 10.89
CA GLN A 50 -1.94 0.12 11.63
C GLN A 50 -0.66 0.68 12.29
N GLY A 51 -0.01 1.60 11.58
CA GLY A 51 1.11 2.43 12.00
C GLY A 51 2.33 1.82 12.65
N GLU A 52 2.73 0.62 12.21
CA GLU A 52 3.91 -0.06 12.74
C GLU A 52 4.74 -0.70 11.62
N GLY A 53 4.34 -0.47 10.37
CA GLY A 53 4.99 -1.05 9.19
C GLY A 53 6.10 -0.23 8.58
N ASP A 54 6.51 -0.62 7.35
CA ASP A 54 7.60 0.04 6.65
C ASP A 54 7.39 1.53 6.44
N LEU A 55 6.16 1.95 6.09
CA LEU A 55 5.81 3.36 5.86
C LEU A 55 6.07 4.23 7.09
N THR A 56 5.60 3.78 8.27
CA THR A 56 5.76 4.47 9.56
C THR A 56 7.24 4.59 9.93
N VAL A 57 8.02 3.52 9.74
CA VAL A 57 9.47 3.49 10.02
C VAL A 57 10.19 4.55 9.16
N LEU A 58 9.86 4.62 7.87
CA LEU A 58 10.45 5.57 6.94
C LEU A 58 10.06 7.01 7.28
N GLY A 59 8.77 7.21 7.63
CA GLY A 59 8.24 8.50 8.07
C GLY A 59 8.95 9.04 9.28
N ARG A 60 9.21 8.15 10.26
CA ARG A 60 9.94 8.50 11.48
C ARG A 60 11.40 8.82 11.15
N ARG A 61 12.07 7.97 10.36
CA ARG A 61 13.47 8.18 9.98
C ARG A 61 13.71 9.49 9.20
N TYR A 62 12.83 9.79 8.24
CA TYR A 62 12.95 10.97 7.37
C TYR A 62 12.12 12.17 7.78
N ASP A 63 11.58 12.13 9.00
CA ASP A 63 10.81 13.20 9.64
C ASP A 63 9.67 13.75 8.78
N TRP A 64 8.87 12.85 8.22
CA TRP A 64 7.71 13.24 7.44
C TRP A 64 6.67 13.79 8.40
N ASP A 65 5.89 14.78 7.95
CA ASP A 65 4.79 15.28 8.76
C ASP A 65 3.66 14.27 8.50
N MET A 66 3.57 13.25 9.37
CA MET A 66 2.57 12.16 9.25
C MET A 66 1.15 12.67 9.39
N ASP A 67 0.94 13.70 10.22
CA ASP A 67 -0.38 14.30 10.45
C ASP A 67 -0.93 14.88 9.17
N ALA A 68 -0.09 15.61 8.39
CA ALA A 68 -0.49 16.20 7.12
C ALA A 68 -0.83 15.12 6.08
N ILE A 69 -0.10 13.97 6.10
CA ILE A 69 -0.39 12.86 5.19
C ILE A 69 -1.74 12.26 5.54
N TRP A 70 -2.00 12.01 6.83
CA TRP A 70 -3.26 11.46 7.34
C TRP A 70 -4.43 12.38 6.96
N GLN A 71 -4.30 13.70 7.19
CA GLN A 71 -5.34 14.69 6.88
C GLN A 71 -5.64 14.76 5.38
N SER A 72 -4.61 14.63 4.53
CA SER A 72 -4.76 14.64 3.06
C SER A 72 -5.56 13.42 2.62
N LEU A 73 -5.30 12.25 3.23
CA LEU A 73 -6.02 11.01 2.94
C LEU A 73 -7.46 11.09 3.40
N LEU A 74 -7.72 11.75 4.55
CA LEU A 74 -9.09 11.97 5.06
C LEU A 74 -9.86 12.88 4.12
N GLY A 75 -9.19 13.93 3.64
CA GLY A 75 -9.74 14.91 2.71
C GLY A 75 -10.10 14.24 1.40
N TRP A 76 -9.20 13.39 0.89
CA TRP A 76 -9.39 12.61 -0.33
C TRP A 76 -10.58 11.66 -0.13
N LEU A 77 -10.67 10.99 1.03
CA LEU A 77 -11.73 10.05 1.40
C LEU A 77 -13.12 10.72 1.38
N ASP A 78 -13.23 11.90 1.98
CA ASP A 78 -14.46 12.66 2.09
C ASP A 78 -14.89 13.34 0.78
N ASN A 79 -13.94 13.52 -0.17
CA ASN A 79 -14.21 14.12 -1.48
C ASN A 79 -14.53 13.09 -2.56
N GLN A 80 -14.48 11.80 -2.22
CA GLN A 80 -14.80 10.75 -3.18
C GLN A 80 -16.31 10.58 -3.31
N PRO A 81 -16.85 10.53 -4.55
CA PRO A 81 -18.29 10.37 -4.69
C PRO A 81 -18.74 8.95 -4.40
N ARG A 82 -19.98 8.80 -3.90
CA ARG A 82 -20.58 7.48 -3.69
C ARG A 82 -20.75 6.84 -5.06
N SER A 83 -20.57 5.54 -5.13
CA SER A 83 -20.68 4.80 -6.38
C SER A 83 -21.18 3.49 -5.96
N VAL A 84 -22.46 3.39 -6.16
CA VAL A 84 -23.29 2.29 -5.73
C VAL A 84 -22.82 0.93 -6.06
N ARG A 85 -22.50 0.20 -4.98
CA ARG A 85 -22.15 -1.21 -5.01
C ARG A 85 -22.39 -1.78 -3.63
N SER A 86 -23.07 -2.95 -3.56
CA SER A 86 -23.33 -3.65 -2.31
C SER A 86 -21.99 -4.11 -1.77
N ARG A 87 -21.04 -4.38 -2.68
CA ARG A 87 -19.71 -4.82 -2.29
C ARG A 87 -18.63 -4.26 -3.19
N PRO A 88 -17.50 -3.79 -2.66
CA PRO A 88 -16.48 -3.16 -3.50
C PRO A 88 -15.56 -4.12 -4.22
N GLN A 89 -14.93 -3.57 -5.25
CA GLN A 89 -13.97 -4.20 -6.10
C GLN A 89 -12.68 -3.43 -6.01
N LEU A 90 -11.57 -4.08 -6.43
CA LEU A 90 -10.28 -3.40 -6.46
C LEU A 90 -10.27 -2.50 -7.68
N ALA A 91 -9.85 -1.25 -7.51
CA ALA A 91 -9.74 -0.31 -8.64
C ALA A 91 -8.58 -0.75 -9.56
N GLN A 92 -8.64 -0.29 -10.83
CA GLN A 92 -7.65 -0.50 -11.89
C GLN A 92 -6.25 -0.11 -11.37
N SER A 93 -6.15 1.05 -10.70
CA SER A 93 -4.90 1.57 -10.13
C SER A 93 -4.38 0.66 -9.01
N LEU A 94 -5.29 0.00 -8.25
CA LEU A 94 -4.90 -0.92 -7.19
C LEU A 94 -4.37 -2.23 -7.73
N ASN A 95 -4.98 -2.78 -8.81
CA ASN A 95 -4.51 -4.01 -9.47
C ASN A 95 -3.12 -3.76 -10.07
N ALA A 96 -2.91 -2.55 -10.66
CA ALA A 96 -1.64 -2.11 -11.23
C ALA A 96 -0.56 -1.95 -10.14
N LEU A 97 -0.91 -1.32 -8.99
CA LEU A 97 0.02 -1.13 -7.86
C LEU A 97 0.44 -2.49 -7.28
N LEU A 98 -0.52 -3.41 -7.10
CA LEU A 98 -0.29 -4.75 -6.57
C LEU A 98 0.68 -5.55 -7.45
N LYS A 99 0.43 -5.56 -8.74
CA LYS A 99 1.21 -6.25 -9.77
C LYS A 99 2.63 -5.68 -9.86
N GLN A 100 2.76 -4.35 -9.85
CA GLN A 100 4.07 -3.70 -9.90
C GLN A 100 4.88 -3.91 -8.63
N ALA A 101 4.20 -3.91 -7.46
CA ALA A 101 4.86 -4.16 -6.17
C ALA A 101 5.39 -5.58 -6.12
N TRP A 102 4.64 -6.55 -6.70
CA TRP A 102 5.09 -7.94 -6.77
C TRP A 102 6.33 -8.04 -7.67
N MET A 103 6.30 -7.31 -8.79
CA MET A 103 7.42 -7.30 -9.72
C MET A 103 8.67 -6.70 -9.07
N VAL A 104 8.50 -5.65 -8.24
CA VAL A 104 9.58 -5.02 -7.46
C VAL A 104 10.17 -6.06 -6.47
N ALA A 105 9.28 -6.73 -5.70
CA ALA A 105 9.64 -7.75 -4.70
C ALA A 105 10.33 -8.95 -5.34
N SER A 106 9.75 -9.48 -6.43
CA SER A 106 10.29 -10.66 -7.11
C SER A 106 11.66 -10.41 -7.74
N LEU A 107 11.91 -9.17 -8.22
CA LEU A 107 13.22 -8.78 -8.77
C LEU A 107 14.30 -8.70 -7.68
N GLN A 108 13.87 -8.56 -6.40
CA GLN A 108 14.76 -8.55 -5.24
C GLN A 108 14.94 -9.97 -4.66
N GLY A 109 14.23 -10.95 -5.22
CA GLY A 109 14.28 -12.34 -4.76
C GLY A 109 13.38 -12.63 -3.58
N GLU A 110 12.41 -11.75 -3.31
CA GLU A 110 11.46 -11.89 -2.20
C GLU A 110 10.26 -12.71 -2.65
N GLU A 111 9.61 -13.44 -1.72
CA GLU A 111 8.45 -14.29 -2.00
C GLU A 111 7.15 -13.62 -1.56
N HIS A 112 7.27 -12.59 -0.71
CA HIS A 112 6.13 -11.85 -0.16
C HIS A 112 6.19 -10.35 -0.41
N ILE A 113 5.02 -9.73 -0.51
CA ILE A 113 4.91 -8.29 -0.74
C ILE A 113 4.74 -7.56 0.59
N ARG A 114 5.60 -6.56 0.85
CA ARG A 114 5.51 -5.73 2.04
C ARG A 114 5.23 -4.29 1.64
N SER A 115 4.88 -3.41 2.60
CA SER A 115 4.56 -2.02 2.23
C SER A 115 5.67 -1.25 1.53
N VAL A 116 6.94 -1.58 1.82
CA VAL A 116 8.07 -0.93 1.13
C VAL A 116 8.05 -1.22 -0.38
N HIS A 117 7.52 -2.39 -0.79
CA HIS A 117 7.40 -2.77 -2.21
C HIS A 117 6.29 -1.98 -2.87
N LEU A 118 5.21 -1.70 -2.12
CA LEU A 118 4.10 -0.87 -2.60
C LEU A 118 4.65 0.55 -2.75
N LEU A 119 5.55 0.97 -1.83
CA LEU A 119 6.17 2.29 -1.89
C LEU A 119 7.12 2.39 -3.09
N GLY A 120 7.89 1.33 -3.31
CA GLY A 120 8.80 1.23 -4.44
C GLY A 120 8.07 1.32 -5.77
N ALA A 121 6.92 0.63 -5.86
CA ALA A 121 6.07 0.66 -7.03
C ALA A 121 5.52 2.07 -7.26
N LEU A 122 5.04 2.73 -6.18
CA LEU A 122 4.50 4.09 -6.19
C LEU A 122 5.49 5.17 -6.63
N THR A 123 6.74 5.10 -6.14
CA THR A 123 7.77 6.08 -6.47
C THR A 123 8.20 6.02 -7.95
N GLU A 124 8.04 4.84 -8.58
CA GLU A 124 8.35 4.59 -9.99
C GLU A 124 7.15 4.85 -10.90
N ASN A 125 5.93 4.87 -10.33
CA ASN A 125 4.69 5.14 -11.05
C ASN A 125 3.85 6.11 -10.18
N PRO A 126 4.27 7.40 -10.00
CA PRO A 126 3.53 8.30 -9.10
C PRO A 126 2.07 8.55 -9.40
N HIS A 127 1.64 8.36 -10.66
CA HIS A 127 0.25 8.57 -11.05
C HIS A 127 -0.76 7.51 -10.59
N LEU A 128 -0.28 6.46 -9.88
CA LEU A 128 -1.16 5.44 -9.28
C LEU A 128 -1.99 6.06 -8.13
N VAL A 129 -1.53 7.21 -7.61
CA VAL A 129 -2.25 7.97 -6.58
C VAL A 129 -2.63 9.34 -7.14
N ARG A 130 -3.80 9.85 -6.74
CA ARG A 130 -4.29 11.17 -7.12
C ARG A 130 -4.63 11.93 -5.82
N CYS A 131 -3.62 12.05 -4.94
CA CYS A 131 -3.74 12.72 -3.66
C CYS A 131 -2.45 13.50 -3.40
N ASP A 132 -2.50 14.84 -3.55
CA ASP A 132 -1.35 15.74 -3.42
C ASP A 132 -0.53 15.64 -2.14
N GLY A 133 -1.20 15.43 -1.01
CA GLY A 133 -0.56 15.32 0.30
C GLY A 133 0.31 14.08 0.49
N LEU A 134 0.34 13.19 -0.52
CA LEU A 134 1.16 11.98 -0.47
C LEU A 134 2.58 12.23 -1.04
N TRP A 135 2.92 13.50 -1.34
CA TRP A 135 4.25 13.87 -1.85
C TRP A 135 5.46 13.32 -1.05
N PRO A 136 5.46 13.18 0.32
CA PRO A 136 6.64 12.62 1.02
C PRO A 136 6.99 11.18 0.61
N LEU A 137 5.96 10.39 0.25
CA LEU A 137 6.09 9.00 -0.18
C LEU A 137 6.88 8.90 -1.51
N LEU A 138 6.93 10.00 -2.28
CA LEU A 138 7.62 10.06 -3.57
C LEU A 138 9.07 10.58 -3.47
N THR A 139 9.53 10.88 -2.25
CA THR A 139 10.87 11.45 -2.01
C THR A 139 12.03 10.45 -2.06
N LEU A 140 11.80 9.18 -1.69
CA LEU A 140 12.84 8.16 -1.70
C LEU A 140 12.78 7.39 -3.01
N SER A 141 13.94 7.09 -3.60
CA SER A 141 14.01 6.31 -4.84
C SER A 141 13.96 4.82 -4.49
N GLN A 142 13.75 3.95 -5.48
CA GLN A 142 13.75 2.50 -5.27
C GLN A 142 15.12 2.02 -4.77
N SER A 143 16.22 2.62 -5.29
CA SER A 143 17.57 2.27 -4.87
C SER A 143 17.78 2.60 -3.40
N GLN A 144 17.24 3.75 -2.93
CA GLN A 144 17.31 4.14 -1.51
C GLN A 144 16.53 3.18 -0.63
N LEU A 145 15.32 2.78 -1.06
CA LEU A 145 14.47 1.85 -0.31
C LEU A 145 15.13 0.50 -0.13
N GLN A 146 15.82 0.02 -1.17
CA GLN A 146 16.54 -1.24 -1.20
C GLN A 146 17.68 -1.22 -0.16
N ARG A 147 18.44 -0.10 -0.13
CA ARG A 147 19.55 0.12 0.80
C ARG A 147 19.08 0.17 2.24
N LEU A 148 17.82 0.62 2.47
CA LEU A 148 17.20 0.73 3.80
C LEU A 148 16.65 -0.58 4.38
N SER A 149 16.72 -1.70 3.63
CA SER A 149 16.26 -3.02 4.12
C SER A 149 16.79 -3.38 5.54
N PRO A 150 18.09 -3.21 5.91
CA PRO A 150 18.50 -3.54 7.30
C PRO A 150 17.78 -2.74 8.38
N LEU A 151 17.47 -1.46 8.13
CA LEU A 151 16.76 -0.61 9.08
C LEU A 151 15.30 -1.06 9.21
N LEU A 152 14.65 -1.32 8.07
CA LEU A 152 13.26 -1.78 8.04
C LEU A 152 13.13 -3.12 8.76
N ASP A 153 14.13 -4.00 8.56
CA ASP A 153 14.14 -5.31 9.22
C ASP A 153 14.39 -5.20 10.74
N ALA A 154 14.98 -4.08 11.20
CA ALA A 154 15.22 -3.89 12.64
C ALA A 154 14.05 -3.17 13.34
N GLN A 155 13.26 -2.36 12.59
CA GLN A 155 12.22 -1.53 13.21
C GLN A 155 10.75 -1.79 12.82
N SER A 156 10.50 -2.39 11.66
CA SER A 156 9.14 -2.58 11.17
C SER A 156 8.52 -3.87 11.68
N ASP A 157 7.19 -3.89 11.88
CA ASP A 157 6.43 -5.09 12.28
C ASP A 157 6.36 -6.08 11.09
N GLU A 158 6.75 -5.64 9.87
CA GLU A 158 6.79 -6.44 8.64
C GLU A 158 8.15 -7.15 8.43
N CYS A 159 9.01 -7.11 9.45
CA CYS A 159 10.34 -7.72 9.41
C CYS A 159 10.28 -9.27 9.47
N PRO A 160 11.36 -10.02 9.13
CA PRO A 160 11.33 -11.49 9.31
C PRO A 160 11.19 -11.86 10.79
N GLU A 161 10.53 -13.00 11.07
CA GLU A 161 10.31 -13.47 12.44
C GLU A 161 11.52 -14.16 13.08
N THR A 162 12.60 -14.36 12.29
CA THR A 162 13.83 -15.01 12.76
C THR A 162 15.08 -14.22 12.33
N LEU A 163 16.26 -14.58 12.88
CA LEU A 163 17.52 -13.93 12.54
C LEU A 163 18.03 -14.33 11.14
#